data_5W5V
#
_entry.id   5W5V
#
_cell.length_a   135.048
_cell.length_b   135.048
_cell.length_c   84.900
_cell.angle_alpha   90.000
_cell.angle_beta   90.000
_cell.angle_gamma   120.000
#
_symmetry.space_group_name_H-M   'P 32 2 1'
#
loop_
_entity.id
_entity.type
_entity.pdbx_description
1 polymer 'Serine/threonine-protein kinase TBK1'
2 non-polymer '2-amino-7-(1-methylethyl)-5-oxo-5H-chromeno[2,3-b]pyridine-3-carboxylic acid'
#
_entity_poly.entity_id   1
_entity_poly.type   'polypeptide(L)'
_entity_poly.pdbx_seq_one_letter_code
;SNAMQSTSNHLWLLSDILGQGATANVFRGRHKKTGDLFAIKVFNNISFLRPVDVQMREFEVLKKLNHKNIVKLFAIEEET
TTRHKVLIMEFCPCGSLYTVLEEPSNAYGLPESEFLIVLRDVVGGMNHLRENGIVHRDIKPGNIMRVIGEDGQSVYKLTD
FGAARELEDDEQFVSLYGTEEYLHPDMYERAVLRKDHQKKYGATVDLWSIGVTFYHAATGSLPFRPFEGPRRNKEVMYKI
ITGKPSGAISGVQKAENGPIDWSGDMPVSCSLSRGLQVLLTPVLANILEADQEKCWGFDQFFAETSDILHRMVIHVFSLQ
QMTAHKIYIHSYNTATIFHELVYKQTKIISSNQELIYEGRRLVLEPGRLAQHFPKTTEENPIFVVSREPLNTIGLIYEKI
SLPKVHPRYDLDGDASMAKAITGVVCYACRIASTLLLYQELMRKGIRWLIELIKDDYNETVHKKTEVVITLDFCIRNIEK
TVKVYEKLMKINLEAAELGEISDIHTKLLRLSSSQGTIETSLQDIDSRLSPGGSLADAWAHQEGTHPKDRNVEKLQVLLN
CMTEIYYQFKKDKAERRLAYNEEQIHKFDKQKLYYHATKAMTHFTDECVKKYEAFLNKSEEWIRKMLHLRKQLLSLTNQC
FDIEEEVSKYQEYTNELQET
;
_entity_poly.pdbx_strand_id   A
#
# COMPACT_ATOMS: atom_id res chain seq x y z
N MET A 4 -13.74 21.55 41.01
CA MET A 4 -14.27 20.52 40.13
C MET A 4 -15.78 20.41 40.31
N GLN A 5 -16.52 20.12 39.23
CA GLN A 5 -17.94 19.82 39.38
C GLN A 5 -18.15 18.33 39.63
N SER A 6 -19.41 17.93 39.69
CA SER A 6 -19.77 16.55 40.00
C SER A 6 -21.26 16.35 39.76
N THR A 7 -21.66 15.09 39.77
CA THR A 7 -23.06 14.67 39.80
C THR A 7 -23.15 13.56 40.84
N SER A 8 -24.34 12.98 40.99
CA SER A 8 -24.51 11.91 41.98
C SER A 8 -23.51 10.78 41.74
N ASN A 9 -23.33 10.36 40.50
CA ASN A 9 -22.50 9.20 40.19
C ASN A 9 -21.11 9.54 39.69
N HIS A 10 -20.87 10.75 39.19
CA HIS A 10 -19.59 11.08 38.58
C HIS A 10 -19.03 12.40 39.11
N LEU A 11 -17.73 12.58 38.91
CA LEU A 11 -17.03 13.82 39.20
C LEU A 11 -15.88 13.99 38.22
N TRP A 12 -15.45 15.24 38.01
CA TRP A 12 -14.41 15.47 37.02
C TRP A 12 -13.71 16.79 37.28
N LEU A 13 -12.38 16.78 37.21
CA LEU A 13 -11.59 18.01 37.25
C LEU A 13 -11.83 18.84 36.00
N LEU A 14 -11.83 20.16 36.16
CA LEU A 14 -11.95 21.03 34.99
C LEU A 14 -10.65 21.10 34.20
N SER A 15 -9.51 20.78 34.83
CA SER A 15 -8.25 20.77 34.10
C SER A 15 -8.21 19.64 33.08
N ASP A 16 -8.80 18.48 33.39
CA ASP A 16 -8.82 17.37 32.45
C ASP A 16 -9.97 17.54 31.46
N ILE A 17 -9.85 18.61 30.66
CA ILE A 17 -10.83 18.90 29.62
C ILE A 17 -10.37 18.28 28.31
N LEU A 18 -11.30 17.67 27.59
CA LEU A 18 -10.98 16.97 26.35
C LEU A 18 -11.46 17.77 25.14
N THR A 23 -19.99 26.68 22.88
CA THR A 23 -19.19 25.49 22.62
C THR A 23 -19.03 24.65 23.87
N ALA A 24 -19.70 23.49 23.91
CA ALA A 24 -19.73 22.70 25.13
C ALA A 24 -18.32 22.24 25.48
N ASN A 25 -18.14 21.77 26.70
CA ASN A 25 -16.89 21.14 27.07
C ASN A 25 -17.06 19.65 27.36
N VAL A 26 -15.98 18.91 27.11
CA VAL A 26 -15.89 17.49 27.38
C VAL A 26 -14.70 17.28 28.31
N PHE A 27 -14.96 16.69 29.48
CA PHE A 27 -13.90 16.43 30.44
C PHE A 27 -13.72 14.93 30.61
N ARG A 28 -12.57 14.55 31.14
CA ARG A 28 -12.30 13.17 31.49
C ARG A 28 -12.52 13.02 33.00
N GLY A 29 -13.46 12.15 33.36
CA GLY A 29 -13.80 11.98 34.76
C GLY A 29 -13.87 10.53 35.17
N ARG A 30 -14.39 10.27 36.36
CA ARG A 30 -14.51 8.91 36.88
C ARG A 30 -15.88 8.68 37.50
N HIS A 31 -16.30 7.42 37.48
CA HIS A 31 -17.42 6.99 38.29
C HIS A 31 -17.00 6.95 39.75
N LYS A 32 -17.83 7.53 40.63
CA LYS A 32 -17.46 7.64 42.03
C LYS A 32 -17.29 6.27 42.67
N LYS A 33 -18.06 5.28 42.27
CA LYS A 33 -18.07 4.00 42.95
C LYS A 33 -17.06 3.01 42.38
N THR A 34 -16.78 3.09 41.08
CA THR A 34 -15.85 2.15 40.44
C THR A 34 -14.51 2.78 40.06
N GLY A 35 -14.49 4.06 39.69
CA GLY A 35 -13.27 4.69 39.24
C GLY A 35 -13.11 4.65 37.73
N ASP A 36 -14.07 4.05 37.03
CA ASP A 36 -14.00 3.86 35.59
C ASP A 36 -14.05 5.19 34.85
N LEU A 37 -13.23 5.28 33.80
CA LEU A 37 -13.15 6.48 32.98
C LEU A 37 -14.40 6.63 32.11
N PHE A 38 -14.89 7.86 32.00
CA PHE A 38 -16.03 8.18 31.16
C PHE A 38 -15.85 9.57 30.59
N ALA A 39 -16.50 9.82 29.45
CA ALA A 39 -16.52 11.16 28.87
C ALA A 39 -17.72 11.94 29.41
N ILE A 40 -17.45 13.12 29.94
CA ILE A 40 -18.46 14.00 30.51
C ILE A 40 -18.68 15.18 29.56
N LYS A 41 -19.92 15.36 29.08
CA LYS A 41 -20.25 16.44 28.15
C LYS A 41 -21.04 17.49 28.93
N VAL A 42 -20.43 18.66 29.10
CA VAL A 42 -21.00 19.76 29.90
C VAL A 42 -21.36 20.92 28.99
N PHE A 43 -22.60 21.41 29.12
CA PHE A 43 -23.11 22.47 28.25
C PHE A 43 -22.92 23.82 28.91
N VAL A 52 -37.81 21.77 27.36
CA VAL A 52 -37.04 20.98 28.32
C VAL A 52 -37.06 19.50 27.92
N ASP A 53 -38.25 18.98 27.59
CA ASP A 53 -38.43 17.56 27.29
C ASP A 53 -38.23 17.27 25.81
N VAL A 54 -38.01 18.31 24.99
CA VAL A 54 -37.67 18.11 23.59
C VAL A 54 -36.33 17.40 23.45
N GLN A 55 -35.45 17.57 24.43
CA GLN A 55 -34.14 16.95 24.44
C GLN A 55 -34.13 15.59 25.13
N MET A 56 -34.91 15.45 26.21
CA MET A 56 -35.01 14.18 26.91
C MET A 56 -35.55 13.07 26.02
N ARG A 57 -36.38 13.41 25.03
CA ARG A 57 -36.88 12.38 24.12
C ARG A 57 -35.78 11.89 23.18
N GLU A 58 -35.10 12.80 22.48
CA GLU A 58 -34.04 12.38 21.60
C GLU A 58 -32.88 11.77 22.38
N PHE A 59 -32.71 12.18 23.64
CA PHE A 59 -31.73 11.54 24.50
C PHE A 59 -32.10 10.10 24.80
N GLU A 60 -33.39 9.82 24.98
CA GLU A 60 -33.78 8.46 25.30
C GLU A 60 -33.51 7.52 24.13
N VAL A 61 -33.84 7.94 22.91
CA VAL A 61 -33.58 7.07 21.76
C VAL A 61 -32.08 6.86 21.60
N LEU A 62 -31.28 7.88 21.94
CA LEU A 62 -29.82 7.78 21.83
C LEU A 62 -29.24 6.91 22.95
N LYS A 63 -29.89 6.91 24.11
CA LYS A 63 -29.43 6.08 25.23
C LYS A 63 -29.56 4.60 24.88
N LYS A 64 -30.50 4.28 24.00
CA LYS A 64 -30.79 2.91 23.58
C LYS A 64 -29.77 2.40 22.56
N LEU A 65 -29.18 3.30 21.77
CA LEU A 65 -28.23 2.91 20.73
C LEU A 65 -27.03 2.15 21.29
N ASN A 66 -26.92 0.89 20.87
CA ASN A 66 -25.86 -0.04 21.23
C ASN A 66 -25.24 -0.54 19.92
N HIS A 67 -24.11 0.04 19.52
CA HIS A 67 -23.45 -0.39 18.30
C HIS A 67 -21.95 -0.20 18.39
N LYS A 68 -21.23 -1.11 17.72
CA LYS A 68 -19.77 -1.13 17.75
C LYS A 68 -19.16 0.18 17.27
N ASN A 69 -19.81 0.86 16.33
CA ASN A 69 -19.26 2.06 15.72
C ASN A 69 -19.97 3.33 16.21
N ILE A 70 -20.65 3.27 17.35
CA ILE A 70 -21.23 4.43 18.00
C ILE A 70 -20.73 4.51 19.42
N VAL A 71 -20.10 5.64 19.79
CA VAL A 71 -19.67 5.84 21.16
C VAL A 71 -20.88 5.69 22.07
N LYS A 72 -20.75 4.87 23.11
CA LYS A 72 -21.91 4.53 23.92
C LYS A 72 -22.22 5.65 24.89
N LEU A 73 -23.49 6.05 24.94
CA LEU A 73 -24.00 6.97 25.94
C LEU A 73 -24.60 6.16 27.08
N PHE A 74 -23.98 6.22 28.26
CA PHE A 74 -24.45 5.39 29.37
C PHE A 74 -25.63 6.03 30.09
N ALA A 75 -25.46 7.25 30.60
CA ALA A 75 -26.49 7.85 31.43
C ALA A 75 -26.45 9.37 31.28
N ILE A 76 -27.55 10.01 31.66
CA ILE A 76 -27.67 11.46 31.71
C ILE A 76 -28.00 11.88 33.13
N GLU A 77 -27.11 12.63 33.75
CA GLU A 77 -27.26 13.02 35.15
C GLU A 77 -27.23 14.53 35.25
N GLU A 78 -27.66 15.05 36.40
CA GLU A 78 -27.60 16.49 36.65
C GLU A 78 -26.37 16.82 37.49
N GLU A 79 -25.57 17.77 37.02
CA GLU A 79 -24.47 18.29 37.82
C GLU A 79 -25.04 18.88 39.12
N THR A 80 -24.17 19.03 40.12
CA THR A 80 -24.66 19.44 41.43
C THR A 80 -24.75 20.97 41.59
N THR A 81 -23.73 21.71 41.14
CA THR A 81 -23.73 23.15 41.30
C THR A 81 -24.68 23.83 40.33
N THR A 82 -24.73 23.37 39.07
CA THR A 82 -25.73 23.82 38.13
C THR A 82 -26.72 22.69 37.91
N ARG A 83 -27.96 23.04 37.52
CA ARG A 83 -28.93 22.03 37.17
C ARG A 83 -28.81 21.58 35.72
N HIS A 84 -27.71 21.93 35.05
CA HIS A 84 -27.55 21.60 33.64
C HIS A 84 -27.45 20.09 33.43
N LYS A 85 -28.01 19.63 32.31
CA LYS A 85 -28.02 18.21 32.00
C LYS A 85 -26.63 17.85 31.50
N VAL A 86 -26.05 16.78 32.03
CA VAL A 86 -24.78 16.30 31.48
C VAL A 86 -24.98 14.89 30.98
N LEU A 87 -24.16 14.51 30.01
CA LEU A 87 -24.14 13.17 29.44
C LEU A 87 -22.85 12.45 29.82
N ILE A 88 -22.99 11.26 30.40
CA ILE A 88 -21.85 10.41 30.72
C ILE A 88 -21.66 9.50 29.52
N MET A 89 -20.54 9.65 28.83
CA MET A 89 -20.33 8.94 27.58
C MET A 89 -19.10 8.05 27.67
N GLU A 90 -19.01 7.11 26.73
CA GLU A 90 -17.87 6.21 26.66
C GLU A 90 -16.58 7.00 26.38
N PHE A 91 -15.58 6.81 27.24
CA PHE A 91 -14.28 7.47 27.07
C PHE A 91 -13.38 6.72 26.08
N CYS A 92 -12.78 7.46 25.16
CA CYS A 92 -11.89 6.92 24.14
C CYS A 92 -10.46 7.39 24.41
N PRO A 93 -9.62 6.58 25.04
CA PRO A 93 -8.29 7.03 25.47
C PRO A 93 -7.41 7.60 24.36
N CYS A 94 -7.55 7.13 23.12
CA CYS A 94 -6.66 7.55 22.04
C CYS A 94 -7.03 8.91 21.46
N GLY A 95 -8.31 9.29 21.50
CA GLY A 95 -8.74 10.55 20.91
C GLY A 95 -9.49 10.38 19.60
N SER A 96 -9.27 11.25 18.63
CA SER A 96 -10.05 11.22 17.41
C SER A 96 -9.16 11.05 16.18
N LEU A 97 -9.82 10.86 15.03
CA LEU A 97 -9.12 10.78 13.76
C LEU A 97 -8.31 12.04 13.48
N TYR A 98 -8.79 13.20 13.93
CA TYR A 98 -8.00 14.42 13.81
C TYR A 98 -6.67 14.25 14.52
N THR A 99 -6.72 13.83 15.79
CA THR A 99 -5.50 13.53 16.55
C THR A 99 -4.57 12.64 15.74
N VAL A 100 -5.08 11.49 15.30
CA VAL A 100 -4.32 10.56 14.48
C VAL A 100 -3.73 11.25 13.26
N LEU A 101 -4.55 12.01 12.53
CA LEU A 101 -4.06 12.64 11.31
C LEU A 101 -3.07 13.76 11.62
N GLU A 102 -2.97 14.18 12.88
CA GLU A 102 -2.00 15.19 13.27
C GLU A 102 -0.65 14.58 13.58
N GLU A 103 -0.60 13.27 13.81
CA GLU A 103 0.66 12.59 14.07
C GLU A 103 1.53 12.60 12.81
N PRO A 104 2.85 12.67 12.97
CA PRO A 104 3.72 12.89 11.80
C PRO A 104 3.81 11.71 10.86
N SER A 105 3.63 10.48 11.32
CA SER A 105 3.75 9.33 10.43
C SER A 105 2.53 9.13 9.56
N ASN A 106 1.44 9.87 9.82
CA ASN A 106 0.24 9.83 9.00
C ASN A 106 0.06 11.13 8.21
N ALA A 107 1.12 11.94 8.11
CA ALA A 107 1.03 13.23 7.44
C ALA A 107 0.74 13.10 5.95
N TYR A 108 0.95 11.91 5.39
CA TYR A 108 0.75 11.63 3.97
C TYR A 108 -0.22 10.48 3.76
N GLY A 109 -1.09 10.25 4.73
CA GLY A 109 -2.13 9.25 4.70
C GLY A 109 -1.90 8.14 5.73
N LEU A 110 -3.00 7.49 6.07
CA LEU A 110 -2.96 6.36 6.99
C LEU A 110 -2.28 5.17 6.36
N PRO A 111 -1.70 4.28 7.16
CA PRO A 111 -1.27 2.98 6.62
C PRO A 111 -2.45 2.25 6.00
N GLU A 112 -2.15 1.50 4.93
CA GLU A 112 -3.21 0.82 4.18
C GLU A 112 -4.11 0.00 5.09
N SER A 113 -3.51 -0.73 6.03
CA SER A 113 -4.28 -1.56 6.95
C SER A 113 -5.19 -0.70 7.83
N GLU A 114 -4.68 0.44 8.30
CA GLU A 114 -5.46 1.35 9.14
C GLU A 114 -6.58 2.05 8.36
N PHE A 115 -6.29 2.46 7.11
CA PHE A 115 -7.32 3.10 6.30
C PHE A 115 -8.54 2.21 6.13
N LEU A 116 -8.33 0.90 6.01
CA LEU A 116 -9.44 -0.03 5.79
C LEU A 116 -10.32 -0.16 7.03
N ILE A 117 -9.73 -0.02 8.22
CA ILE A 117 -10.51 -0.05 9.46
C ILE A 117 -11.39 1.18 9.59
N VAL A 118 -10.86 2.36 9.25
CA VAL A 118 -11.67 3.58 9.28
C VAL A 118 -12.89 3.43 8.37
N LEU A 119 -12.65 3.02 7.13
CA LEU A 119 -13.73 2.79 6.17
C LEU A 119 -14.78 1.83 6.71
N ARG A 120 -14.35 0.67 7.23
CA ARG A 120 -15.29 -0.32 7.77
C ARG A 120 -16.18 0.25 8.86
N ASP A 121 -15.58 0.91 9.85
CA ASP A 121 -16.35 1.32 11.03
C ASP A 121 -17.25 2.51 10.72
N VAL A 122 -16.75 3.47 9.96
CA VAL A 122 -17.58 4.59 9.51
C VAL A 122 -18.79 4.09 8.71
N VAL A 123 -18.57 3.17 7.78
CA VAL A 123 -19.65 2.65 6.94
C VAL A 123 -20.70 1.92 7.77
N GLY A 124 -20.27 1.06 8.70
CA GLY A 124 -21.22 0.36 9.53
C GLY A 124 -22.03 1.26 10.44
N GLY A 125 -21.42 2.32 10.97
CA GLY A 125 -22.17 3.24 11.82
C GLY A 125 -23.19 4.07 11.06
N MET A 126 -22.78 4.66 9.94
CA MET A 126 -23.70 5.41 9.09
C MET A 126 -24.95 4.60 8.73
N ASN A 127 -24.77 3.41 8.15
CA ASN A 127 -25.93 2.62 7.75
C ASN A 127 -26.82 2.37 8.96
N HIS A 128 -26.21 2.07 10.11
CA HIS A 128 -27.00 1.87 11.32
C HIS A 128 -27.80 3.13 11.65
N LEU A 129 -27.16 4.30 11.51
CA LEU A 129 -27.85 5.57 11.72
C LEU A 129 -29.03 5.70 10.75
N ARG A 130 -28.78 5.55 9.45
CA ARG A 130 -29.86 5.61 8.48
C ARG A 130 -30.96 4.63 8.84
N GLU A 131 -30.58 3.38 9.13
CA GLU A 131 -31.52 2.37 9.56
C GLU A 131 -32.36 2.82 10.74
N ASN A 132 -31.89 3.82 11.50
CA ASN A 132 -32.63 4.35 12.64
C ASN A 132 -33.12 5.78 12.43
N GLY A 133 -32.88 6.37 11.26
CA GLY A 133 -33.42 7.67 10.94
C GLY A 133 -32.59 8.88 11.35
N ILE A 134 -31.47 8.70 12.04
CA ILE A 134 -30.66 9.83 12.48
C ILE A 134 -29.91 10.38 11.28
N VAL A 135 -29.67 11.70 11.26
CA VAL A 135 -28.79 12.31 10.26
C VAL A 135 -27.67 13.06 10.97
N HIS A 136 -26.44 12.79 10.53
CA HIS A 136 -25.22 13.37 11.09
C HIS A 136 -24.71 14.43 10.13
N ARG A 137 -25.33 15.60 10.20
CA ARG A 137 -25.13 16.67 9.23
C ARG A 137 -23.67 16.97 8.88
N ASP A 138 -22.74 16.85 9.83
CA ASP A 138 -21.32 17.14 9.59
C ASP A 138 -20.35 16.08 10.13
N ILE A 139 -20.21 14.98 9.40
CA ILE A 139 -19.16 14.01 9.72
C ILE A 139 -17.81 14.68 9.45
N LYS A 140 -16.85 14.45 10.33
CA LYS A 140 -15.49 14.96 10.09
C LYS A 140 -14.51 14.27 11.06
N PRO A 141 -13.21 14.25 10.71
CA PRO A 141 -12.19 13.62 11.57
C PRO A 141 -12.29 14.00 13.04
N GLY A 142 -12.75 15.22 13.36
CA GLY A 142 -12.91 15.58 14.75
C GLY A 142 -14.10 14.94 15.41
N ASN A 143 -15.09 14.54 14.62
CA ASN A 143 -16.25 13.82 15.12
C ASN A 143 -15.97 12.33 15.28
N ILE A 144 -14.91 11.82 14.64
CA ILE A 144 -14.67 10.39 14.53
C ILE A 144 -13.61 9.97 15.56
N MET A 145 -14.07 9.33 16.62
CA MET A 145 -13.27 8.95 17.79
C MET A 145 -12.63 7.58 17.57
N ARG A 146 -11.44 7.41 18.13
CA ARG A 146 -10.70 6.15 18.04
C ARG A 146 -10.62 5.48 19.40
N VAL A 147 -10.81 4.16 19.41
CA VAL A 147 -10.61 3.33 20.61
C VAL A 147 -9.83 2.10 20.20
N ILE A 148 -9.08 1.54 21.14
CA ILE A 148 -8.36 0.28 20.94
C ILE A 148 -9.28 -0.90 21.19
N GLY A 149 -9.49 -1.72 20.16
CA GLY A 149 -10.28 -2.92 20.34
C GLY A 149 -9.55 -3.93 21.20
N GLU A 150 -10.30 -4.91 21.70
CA GLU A 150 -9.67 -5.90 22.59
C GLU A 150 -8.64 -6.77 21.88
N ASP A 151 -8.59 -6.74 20.54
CA ASP A 151 -7.61 -7.48 19.77
C ASP A 151 -6.47 -6.63 19.27
N GLY A 152 -6.37 -5.38 19.74
CA GLY A 152 -5.26 -4.50 19.41
C GLY A 152 -5.48 -3.69 18.15
N GLN A 153 -6.55 -3.93 17.40
CA GLN A 153 -6.84 -3.17 16.21
C GLN A 153 -7.71 -1.98 16.59
N SER A 154 -7.43 -0.83 15.98
CA SER A 154 -8.28 0.33 16.17
C SER A 154 -9.74 -0.01 15.86
N VAL A 155 -10.66 0.52 16.67
CA VAL A 155 -12.08 0.55 16.35
C VAL A 155 -12.51 2.01 16.38
N TYR A 156 -13.11 2.48 15.29
CA TYR A 156 -13.61 3.84 15.20
C TYR A 156 -15.11 3.91 15.45
N LYS A 157 -15.54 4.93 16.19
CA LYS A 157 -16.92 5.04 16.65
C LYS A 157 -17.43 6.47 16.47
N LEU A 158 -18.63 6.60 15.91
CA LEU A 158 -19.21 7.91 15.66
C LEU A 158 -19.85 8.46 16.94
N THR A 159 -19.75 9.78 17.11
CA THR A 159 -20.41 10.46 18.22
C THR A 159 -20.75 11.90 17.83
N ASP A 160 -21.50 12.57 18.70
CA ASP A 160 -21.84 13.99 18.55
C ASP A 160 -22.64 14.30 17.29
N PHE A 161 -23.77 13.63 17.10
CA PHE A 161 -24.66 13.96 15.99
C PHE A 161 -25.86 14.68 16.59
N GLY A 162 -26.14 15.89 16.09
CA GLY A 162 -27.23 16.68 16.62
C GLY A 162 -26.77 17.79 17.55
N GLU A 180 -16.68 24.03 8.01
CA GLU A 180 -16.39 24.83 6.81
C GLU A 180 -15.74 23.96 5.73
N GLU A 181 -14.61 23.35 6.08
CA GLU A 181 -13.84 22.58 5.11
C GLU A 181 -14.60 21.36 4.61
N TYR A 182 -15.62 20.95 5.36
CA TYR A 182 -16.41 19.75 5.12
C TYR A 182 -17.81 20.08 4.62
N LEU A 183 -18.19 21.35 4.59
CA LEU A 183 -19.53 21.76 4.20
C LEU A 183 -19.74 21.65 2.69
N HIS A 184 -20.94 21.20 2.34
CA HIS A 184 -21.45 21.11 0.99
C HIS A 184 -21.50 22.45 0.27
N PRO A 185 -21.34 22.45 -1.06
CA PRO A 185 -21.45 23.69 -1.85
C PRO A 185 -22.68 24.54 -1.55
N ASP A 186 -23.82 23.91 -1.28
CA ASP A 186 -25.01 24.66 -0.90
C ASP A 186 -24.90 25.15 0.54
N MET A 187 -24.30 24.36 1.43
CA MET A 187 -24.11 24.76 2.82
C MET A 187 -23.04 25.83 2.98
N TYR A 188 -22.00 25.84 2.14
CA TYR A 188 -20.95 26.84 2.28
C TYR A 188 -21.47 28.24 2.01
N GLU A 189 -22.42 28.41 1.09
CA GLU A 189 -23.05 29.72 0.93
C GLU A 189 -23.73 30.15 2.22
N ARG A 190 -24.32 29.20 2.94
CA ARG A 190 -25.11 29.46 4.14
C ARG A 190 -26.34 30.26 3.77
N ALA A 203 -27.55 11.87 4.27
CA ALA A 203 -27.94 12.30 2.94
C ALA A 203 -26.71 12.62 2.10
N THR A 204 -26.92 12.96 0.82
CA THR A 204 -25.78 13.24 -0.06
C THR A 204 -24.92 14.35 0.53
N VAL A 205 -25.55 15.38 1.10
CA VAL A 205 -24.82 16.46 1.74
C VAL A 205 -23.86 15.91 2.78
N ASP A 206 -24.25 14.80 3.43
CA ASP A 206 -23.38 14.14 4.39
C ASP A 206 -22.24 13.42 3.68
N LEU A 207 -22.50 12.90 2.48
CA LEU A 207 -21.49 12.20 1.69
C LEU A 207 -20.33 13.11 1.32
N TRP A 208 -20.59 14.42 1.16
CA TRP A 208 -19.52 15.35 0.81
C TRP A 208 -18.45 15.38 1.89
N SER A 209 -18.84 15.64 3.13
CA SER A 209 -17.86 15.69 4.21
C SER A 209 -17.22 14.32 4.40
N ILE A 210 -17.96 13.26 4.08
CA ILE A 210 -17.41 11.92 4.05
C ILE A 210 -16.34 11.81 2.98
N GLY A 211 -16.61 12.39 1.81
CA GLY A 211 -15.63 12.37 0.73
C GLY A 211 -14.35 13.09 1.09
N VAL A 212 -14.48 14.32 1.60
CA VAL A 212 -13.32 15.09 2.02
C VAL A 212 -12.56 14.35 3.10
N THR A 213 -13.28 13.73 4.04
CA THR A 213 -12.64 13.01 5.14
C THR A 213 -11.81 11.85 4.61
N PHE A 214 -12.38 11.05 3.71
CA PHE A 214 -11.64 9.92 3.15
C PHE A 214 -10.43 10.38 2.35
N TYR A 215 -10.56 11.45 1.56
CA TYR A 215 -9.38 11.97 0.87
C TYR A 215 -8.33 12.43 1.88
N HIS A 216 -8.76 13.16 2.92
CA HIS A 216 -7.81 13.61 3.93
C HIS A 216 -7.15 12.41 4.62
N ALA A 217 -7.95 11.41 4.99
CA ALA A 217 -7.40 10.20 5.59
C ALA A 217 -6.47 9.47 4.62
N ALA A 218 -6.80 9.47 3.33
CA ALA A 218 -5.99 8.73 2.37
C ALA A 218 -4.68 9.42 2.04
N THR A 219 -4.64 10.75 2.09
CA THR A 219 -3.51 11.50 1.56
C THR A 219 -2.85 12.41 2.59
N GLY A 220 -3.52 12.71 3.71
CA GLY A 220 -2.99 13.63 4.69
C GLY A 220 -3.23 15.08 4.39
N SER A 221 -3.82 15.39 3.23
CA SER A 221 -4.11 16.76 2.83
C SER A 221 -5.57 16.86 2.42
N LEU A 222 -6.11 18.06 2.52
CA LEU A 222 -7.46 18.33 2.02
C LEU A 222 -7.49 18.32 0.50
N PRO A 223 -8.58 17.82 -0.10
CA PRO A 223 -8.60 17.73 -1.57
C PRO A 223 -8.77 19.08 -2.23
N PHE A 224 -9.40 20.04 -1.55
CA PHE A 224 -9.71 21.34 -2.13
C PHE A 224 -8.98 22.39 -1.29
N ARG A 225 -7.91 22.96 -1.84
CA ARG A 225 -7.03 23.81 -1.04
C ARG A 225 -6.76 25.11 -1.78
N PRO A 226 -7.40 26.21 -1.39
CA PRO A 226 -6.99 27.51 -1.91
C PRO A 226 -5.58 27.80 -1.42
N PHE A 227 -4.92 28.77 -2.05
CA PHE A 227 -3.63 29.18 -1.50
C PHE A 227 -3.88 29.71 -0.09
N GLU A 228 -2.87 29.58 0.77
CA GLU A 228 -3.02 29.84 2.20
C GLU A 228 -3.97 28.79 2.75
N GLY A 229 -5.07 29.20 3.39
CA GLY A 229 -6.01 28.24 3.92
C GLY A 229 -7.42 28.46 3.42
N PRO A 230 -8.24 27.40 3.41
CA PRO A 230 -9.64 27.56 2.94
C PRO A 230 -10.40 28.59 3.75
N ARG A 231 -10.23 28.57 5.08
CA ARG A 231 -10.87 29.57 5.93
C ARG A 231 -10.39 30.96 5.57
N ARG A 232 -9.08 31.09 5.35
CA ARG A 232 -8.47 32.36 4.98
C ARG A 232 -9.03 32.86 3.65
N ASN A 233 -9.30 31.96 2.71
CA ASN A 233 -9.83 32.32 1.39
C ASN A 233 -11.14 31.56 1.17
N LYS A 234 -12.15 31.91 1.97
CA LYS A 234 -13.48 31.32 1.86
C LYS A 234 -14.07 31.47 0.46
N GLU A 235 -13.80 32.60 -0.19
CA GLU A 235 -14.36 32.88 -1.51
C GLU A 235 -13.77 32.01 -2.61
N VAL A 236 -12.45 31.79 -2.59
CA VAL A 236 -11.82 30.94 -3.60
C VAL A 236 -12.33 29.51 -3.49
N MET A 237 -12.56 29.05 -2.25
CA MET A 237 -13.04 27.70 -2.01
C MET A 237 -14.40 27.42 -2.66
N TYR A 238 -15.34 28.37 -2.55
CA TYR A 238 -16.66 28.15 -3.17
C TYR A 238 -16.56 28.02 -4.68
N LYS A 239 -15.74 28.85 -5.34
CA LYS A 239 -15.59 28.70 -6.79
C LYS A 239 -15.05 27.31 -7.12
N ILE A 240 -14.07 26.85 -6.35
CA ILE A 240 -13.47 25.53 -6.56
C ILE A 240 -14.53 24.44 -6.45
N ILE A 241 -15.44 24.56 -5.48
CA ILE A 241 -16.38 23.47 -5.23
C ILE A 241 -17.48 23.45 -6.29
N THR A 242 -18.00 24.61 -6.69
CA THR A 242 -19.06 24.63 -7.69
C THR A 242 -18.53 24.41 -9.11
N GLY A 243 -17.41 25.04 -9.44
CA GLY A 243 -16.85 24.94 -10.78
C GLY A 243 -16.02 23.71 -11.06
N LYS A 244 -15.98 22.76 -10.14
CA LYS A 244 -15.16 21.57 -10.34
C LYS A 244 -15.71 20.75 -11.49
N PRO A 245 -14.90 20.41 -12.49
CA PRO A 245 -15.39 19.58 -13.59
C PRO A 245 -15.62 18.17 -13.07
N SER A 246 -16.66 17.51 -13.59
CA SER A 246 -16.99 16.18 -13.11
C SER A 246 -15.82 15.22 -13.33
N GLY A 247 -15.64 14.31 -12.38
CA GLY A 247 -14.57 13.35 -12.39
C GLY A 247 -13.35 13.77 -11.59
N ALA A 248 -13.10 15.08 -11.46
CA ALA A 248 -11.96 15.57 -10.70
C ALA A 248 -12.15 15.29 -9.21
N ILE A 249 -11.05 14.98 -8.51
CA ILE A 249 -11.10 14.70 -7.09
C ILE A 249 -10.28 15.68 -6.25
N SER A 250 -9.49 16.56 -6.86
CA SER A 250 -8.74 17.52 -6.06
C SER A 250 -8.54 18.82 -6.83
N GLY A 251 -8.26 19.87 -6.06
CA GLY A 251 -7.94 21.18 -6.60
C GLY A 251 -7.06 21.92 -5.63
N VAL A 252 -5.83 22.22 -6.06
CA VAL A 252 -4.82 22.83 -5.18
C VAL A 252 -4.34 24.10 -5.85
N GLN A 253 -4.34 25.19 -5.09
CA GLN A 253 -3.82 26.47 -5.56
C GLN A 253 -2.41 26.63 -5.00
N LYS A 254 -1.40 26.52 -5.87
CA LYS A 254 -0.03 26.45 -5.38
C LYS A 254 0.59 27.82 -5.19
N ALA A 255 0.14 28.82 -5.92
CA ALA A 255 0.58 30.19 -5.75
C ALA A 255 -0.63 31.04 -5.40
N GLU A 256 -0.38 32.23 -4.85
CA GLU A 256 -1.46 33.13 -4.50
C GLU A 256 -2.12 33.64 -5.77
N ASN A 257 -3.46 33.58 -5.83
CA ASN A 257 -4.22 33.95 -7.02
C ASN A 257 -3.84 33.10 -8.23
N GLY A 258 -3.22 31.95 -7.98
CA GLY A 258 -2.78 31.05 -9.02
C GLY A 258 -3.86 30.07 -9.47
N PRO A 259 -3.56 29.30 -10.51
CA PRO A 259 -4.53 28.35 -11.04
C PRO A 259 -4.81 27.16 -10.12
N ILE A 260 -5.73 26.31 -10.55
CA ILE A 260 -6.15 25.13 -9.81
C ILE A 260 -5.61 23.90 -10.53
N ASP A 261 -4.89 23.05 -9.79
CA ASP A 261 -4.41 21.78 -10.31
C ASP A 261 -5.49 20.73 -10.09
N TRP A 262 -6.08 20.24 -11.16
CA TRP A 262 -7.08 19.20 -11.04
C TRP A 262 -6.39 17.85 -11.13
N SER A 263 -7.01 16.84 -10.54
CA SER A 263 -6.48 15.49 -10.67
C SER A 263 -7.60 14.47 -10.56
N GLY A 264 -7.53 13.43 -11.38
CA GLY A 264 -8.44 12.32 -11.20
C GLY A 264 -7.80 11.19 -10.44
N ASP A 265 -6.52 11.31 -10.10
CA ASP A 265 -5.75 10.28 -9.42
C ASP A 265 -5.36 10.73 -8.02
N MET A 266 -4.96 9.76 -7.20
CA MET A 266 -4.36 10.07 -5.92
C MET A 266 -2.96 10.65 -6.10
N PRO A 267 -2.52 11.54 -5.22
CA PRO A 267 -1.14 12.02 -5.26
C PRO A 267 -0.15 10.89 -5.04
N VAL A 268 1.06 11.08 -5.57
CA VAL A 268 2.11 10.07 -5.43
C VAL A 268 2.41 9.77 -3.97
N SER A 269 2.28 10.77 -3.10
CA SER A 269 2.63 10.59 -1.68
C SER A 269 1.64 9.72 -0.93
N CYS A 270 0.50 9.39 -1.54
CA CYS A 270 -0.43 8.46 -0.90
C CYS A 270 0.21 7.09 -0.74
N SER A 271 -0.04 6.46 0.41
CA SER A 271 0.61 5.20 0.70
C SER A 271 -0.24 4.01 0.28
N LEU A 272 -1.51 4.23 -0.01
CA LEU A 272 -2.39 3.16 -0.44
C LEU A 272 -1.83 2.52 -1.70
N SER A 273 -1.94 1.19 -1.80
CA SER A 273 -1.43 0.50 -2.98
C SER A 273 -2.19 0.96 -4.22
N ARG A 274 -1.54 0.84 -5.38
CA ARG A 274 -2.19 1.16 -6.63
C ARG A 274 -3.45 0.32 -6.80
N GLY A 275 -3.39 -0.94 -6.37
CA GLY A 275 -4.55 -1.81 -6.41
C GLY A 275 -5.75 -1.18 -5.70
N LEU A 276 -5.52 -0.66 -4.49
CA LEU A 276 -6.58 0.01 -3.76
C LEU A 276 -6.91 1.34 -4.39
N GLN A 277 -5.90 2.11 -4.78
CA GLN A 277 -6.11 3.40 -5.44
C GLN A 277 -7.05 3.27 -6.63
N VAL A 278 -6.89 2.18 -7.39
CA VAL A 278 -7.69 1.98 -8.60
C VAL A 278 -9.18 1.81 -8.28
N LEU A 279 -9.50 1.29 -7.10
CA LEU A 279 -10.91 1.12 -6.72
C LEU A 279 -11.49 2.33 -6.01
N LEU A 280 -10.68 3.02 -5.20
CA LEU A 280 -11.19 4.12 -4.39
C LEU A 280 -11.45 5.37 -5.23
N THR A 281 -10.49 5.71 -6.10
CA THR A 281 -10.57 6.90 -6.94
C THR A 281 -11.92 7.11 -7.63
N PRO A 282 -12.51 6.12 -8.33
CA PRO A 282 -13.81 6.40 -8.97
C PRO A 282 -14.93 6.68 -7.99
N VAL A 283 -14.88 6.10 -6.80
CA VAL A 283 -15.92 6.33 -5.80
C VAL A 283 -15.93 7.80 -5.34
N LEU A 284 -14.78 8.32 -4.94
CA LEU A 284 -14.69 9.73 -4.53
C LEU A 284 -15.16 10.69 -5.63
N ALA A 285 -14.65 10.51 -6.85
CA ALA A 285 -15.01 11.39 -7.97
C ALA A 285 -16.51 11.43 -8.23
N ASN A 286 -17.20 10.32 -8.04
CA ASN A 286 -18.61 10.17 -8.35
C ASN A 286 -19.54 10.44 -7.16
N ILE A 287 -18.99 10.71 -5.97
CA ILE A 287 -19.78 11.11 -4.82
C ILE A 287 -19.48 12.51 -4.35
N LEU A 288 -18.48 13.17 -4.93
CA LEU A 288 -18.23 14.57 -4.65
C LEU A 288 -18.81 15.41 -5.79
N ASP A 291 -23.58 19.06 -8.07
CA ASP A 291 -24.97 18.75 -8.33
C ASP A 291 -25.33 17.34 -7.85
N GLN A 292 -26.07 17.28 -6.74
CA GLN A 292 -26.44 16.00 -6.13
C GLN A 292 -27.32 15.15 -7.05
N GLU A 293 -27.79 15.71 -8.17
CA GLU A 293 -28.44 14.91 -9.21
C GLU A 293 -27.58 13.73 -9.66
N LYS A 294 -26.28 13.97 -9.87
CA LYS A 294 -25.43 12.92 -10.41
C LYS A 294 -24.54 12.29 -9.34
N CYS A 295 -24.79 12.61 -8.08
CA CYS A 295 -24.10 11.93 -6.99
C CYS A 295 -24.51 10.47 -6.99
N TRP A 296 -23.70 9.62 -6.36
CA TRP A 296 -23.94 8.19 -6.48
C TRP A 296 -25.20 7.77 -5.74
N GLY A 297 -25.48 8.38 -4.59
CA GLY A 297 -26.54 7.91 -3.72
C GLY A 297 -26.07 6.81 -2.80
N PHE A 298 -26.74 6.68 -1.65
CA PHE A 298 -26.25 5.82 -0.58
C PHE A 298 -26.28 4.34 -0.97
N ASP A 299 -27.40 3.87 -1.51
CA ASP A 299 -27.52 2.45 -1.83
C ASP A 299 -26.41 1.99 -2.77
N GLN A 300 -26.15 2.78 -3.82
CA GLN A 300 -25.03 2.50 -4.71
C GLN A 300 -23.71 2.60 -3.97
N PHE A 301 -23.54 3.66 -3.18
CA PHE A 301 -22.35 3.83 -2.35
C PHE A 301 -22.12 2.65 -1.41
N PHE A 302 -23.18 2.16 -0.76
CA PHE A 302 -23.00 1.04 0.16
C PHE A 302 -22.58 -0.22 -0.59
N ALA A 303 -23.13 -0.43 -1.78
CA ALA A 303 -22.78 -1.62 -2.56
C ALA A 303 -21.33 -1.53 -3.05
N GLU A 304 -20.96 -0.40 -3.64
CA GLU A 304 -19.62 -0.22 -4.19
C GLU A 304 -18.56 -0.31 -3.10
N THR A 305 -18.85 0.23 -1.91
CA THR A 305 -17.89 0.15 -0.82
C THR A 305 -17.83 -1.25 -0.24
N SER A 306 -18.98 -1.93 -0.18
CA SER A 306 -18.97 -3.31 0.30
C SER A 306 -18.16 -4.18 -0.64
N ASP A 307 -18.27 -3.92 -1.95
CA ASP A 307 -17.51 -4.67 -2.95
C ASP A 307 -16.01 -4.52 -2.73
N ILE A 308 -15.58 -3.37 -2.21
CA ILE A 308 -14.17 -3.18 -1.88
C ILE A 308 -13.80 -3.92 -0.60
N LEU A 309 -14.61 -3.75 0.45
CA LEU A 309 -14.31 -4.34 1.74
C LEU A 309 -14.31 -5.86 1.71
N HIS A 310 -15.10 -6.46 0.81
CA HIS A 310 -15.21 -7.90 0.73
C HIS A 310 -14.06 -8.52 -0.06
N ARG A 311 -13.29 -7.72 -0.78
CA ARG A 311 -12.16 -8.21 -1.55
C ARG A 311 -10.99 -8.54 -0.62
N MET A 312 -10.26 -9.61 -0.96
CA MET A 312 -9.02 -9.94 -0.29
C MET A 312 -7.83 -9.34 -1.04
N VAL A 313 -6.67 -9.33 -0.39
CA VAL A 313 -5.47 -8.75 -0.98
C VAL A 313 -4.44 -9.84 -1.23
N ILE A 314 -3.90 -9.87 -2.43
CA ILE A 314 -2.80 -10.75 -2.84
C ILE A 314 -1.60 -9.89 -3.18
N HIS A 315 -0.46 -10.17 -2.55
CA HIS A 315 0.73 -9.35 -2.74
C HIS A 315 1.51 -9.91 -3.92
N VAL A 316 1.78 -9.08 -4.92
CA VAL A 316 2.49 -9.47 -6.12
C VAL A 316 3.68 -8.54 -6.30
N PHE A 317 4.82 -9.10 -6.69
CA PHE A 317 6.01 -8.34 -7.02
C PHE A 317 6.41 -8.63 -8.47
N SER A 318 6.47 -7.59 -9.29
CA SER A 318 6.87 -7.75 -10.67
C SER A 318 8.39 -7.75 -10.69
N LEU A 319 8.98 -8.93 -10.94
CA LEU A 319 10.43 -9.07 -10.78
C LEU A 319 11.17 -8.32 -11.88
N GLN A 320 10.62 -8.25 -13.09
CA GLN A 320 11.31 -7.57 -14.17
C GLN A 320 11.10 -6.07 -14.08
N GLN A 321 10.01 -5.62 -13.48
CA GLN A 321 9.73 -4.19 -13.34
C GLN A 321 10.23 -3.65 -12.01
N MET A 322 10.58 -4.52 -11.07
CA MET A 322 10.96 -4.16 -9.70
C MET A 322 9.88 -3.31 -9.01
N THR A 323 8.67 -3.85 -8.99
CA THR A 323 7.54 -3.15 -8.41
C THR A 323 6.70 -4.14 -7.60
N ALA A 324 6.30 -3.72 -6.40
CA ALA A 324 5.40 -4.52 -5.60
C ALA A 324 3.97 -4.09 -5.86
N HIS A 325 3.04 -5.01 -5.67
CA HIS A 325 1.65 -4.76 -6.00
C HIS A 325 0.74 -5.48 -5.01
N LYS A 326 -0.38 -4.84 -4.68
CA LYS A 326 -1.47 -5.46 -3.95
C LYS A 326 -2.64 -5.62 -4.90
N ILE A 327 -3.13 -6.83 -5.05
CA ILE A 327 -4.26 -7.13 -5.93
C ILE A 327 -5.51 -7.28 -5.07
N TYR A 328 -6.45 -6.36 -5.28
CA TYR A 328 -7.71 -6.35 -4.56
C TYR A 328 -8.71 -7.18 -5.35
N ILE A 329 -9.01 -8.38 -4.85
CA ILE A 329 -9.76 -9.39 -5.58
C ILE A 329 -10.78 -10.03 -4.64
N HIS A 330 -11.95 -10.35 -5.19
CA HIS A 330 -12.96 -11.04 -4.39
C HIS A 330 -12.56 -12.48 -4.11
N SER A 331 -12.94 -12.94 -2.91
CA SER A 331 -12.78 -14.33 -2.51
C SER A 331 -13.21 -15.31 -3.61
N TYR A 332 -14.32 -15.05 -4.28
CA TYR A 332 -14.87 -15.99 -5.25
C TYR A 332 -14.39 -15.75 -6.67
N ASN A 333 -13.53 -14.77 -6.90
CA ASN A 333 -12.97 -14.61 -8.24
C ASN A 333 -11.96 -15.71 -8.54
N THR A 334 -11.83 -15.99 -9.83
CA THR A 334 -10.95 -17.02 -10.35
C THR A 334 -9.56 -16.46 -10.67
N ALA A 335 -8.63 -17.37 -10.97
CA ALA A 335 -7.31 -16.94 -11.41
C ALA A 335 -7.38 -16.18 -12.73
N THR A 336 -8.29 -16.57 -13.61
CA THR A 336 -8.52 -15.83 -14.85
C THR A 336 -8.75 -14.35 -14.58
N ILE A 337 -9.66 -14.05 -13.64
CA ILE A 337 -9.93 -12.68 -13.24
C ILE A 337 -8.70 -12.05 -12.60
N PHE A 338 -7.99 -12.83 -11.78
CA PHE A 338 -6.74 -12.38 -11.16
C PHE A 338 -5.73 -11.87 -12.18
N HIS A 339 -5.52 -12.62 -13.26
CA HIS A 339 -4.55 -12.20 -14.27
C HIS A 339 -4.94 -10.87 -14.90
N GLU A 340 -6.23 -10.64 -15.12
CA GLU A 340 -6.66 -9.37 -15.69
C GLU A 340 -6.35 -8.21 -14.76
N LEU A 341 -6.60 -8.39 -13.44
CA LEU A 341 -6.27 -7.34 -12.48
C LEU A 341 -4.77 -7.08 -12.45
N VAL A 342 -3.96 -8.12 -12.62
CA VAL A 342 -2.52 -7.94 -12.62
C VAL A 342 -2.08 -7.22 -13.89
N TYR A 343 -2.63 -7.60 -15.03
CA TYR A 343 -2.36 -6.90 -16.28
C TYR A 343 -2.65 -5.40 -16.16
N LYS A 344 -3.76 -5.05 -15.51
CA LYS A 344 -4.10 -3.64 -15.33
C LYS A 344 -2.99 -2.87 -14.62
N GLN A 345 -2.31 -3.51 -13.67
CA GLN A 345 -1.24 -2.82 -12.94
C GLN A 345 0.12 -3.04 -13.55
N THR A 346 0.29 -4.10 -14.36
CA THR A 346 1.60 -4.46 -14.89
C THR A 346 1.72 -4.37 -16.40
N LYS A 347 0.60 -4.49 -17.14
CA LYS A 347 0.60 -4.60 -18.60
C LYS A 347 1.23 -5.90 -19.07
N ILE A 348 1.20 -6.94 -18.23
CA ILE A 348 1.61 -8.29 -18.62
C ILE A 348 0.37 -9.11 -18.93
N ILE A 349 0.20 -9.48 -20.20
CA ILE A 349 -0.93 -10.31 -20.57
C ILE A 349 -0.88 -11.64 -19.83
N SER A 350 -2.06 -12.25 -19.61
CA SER A 350 -2.15 -13.47 -18.82
C SER A 350 -1.14 -14.52 -19.27
N SER A 351 -1.15 -14.84 -20.57
CA SER A 351 -0.27 -15.87 -21.12
C SER A 351 1.20 -15.62 -20.83
N ASN A 352 1.61 -14.36 -20.68
CA ASN A 352 3.01 -14.05 -20.40
C ASN A 352 3.33 -14.03 -18.91
N GLN A 353 2.33 -14.18 -18.05
CA GLN A 353 2.57 -14.11 -16.60
C GLN A 353 3.11 -15.45 -16.13
N GLU A 354 4.35 -15.47 -15.68
CA GLU A 354 4.99 -16.69 -15.19
C GLU A 354 5.20 -16.50 -13.69
N LEU A 355 4.65 -17.42 -12.89
CA LEU A 355 4.57 -17.25 -11.46
C LEU A 355 5.58 -18.10 -10.70
N ILE A 356 6.16 -17.50 -9.65
CA ILE A 356 7.11 -18.16 -8.78
C ILE A 356 6.66 -17.93 -7.34
N TYR A 357 6.68 -18.99 -6.52
CA TYR A 357 6.26 -18.89 -5.13
C TYR A 357 7.09 -19.85 -4.31
N GLU A 358 7.66 -19.33 -3.22
CA GLU A 358 8.50 -20.10 -2.30
C GLU A 358 9.49 -20.98 -3.04
N GLY A 359 10.17 -20.39 -4.04
CA GLY A 359 11.26 -21.07 -4.70
C GLY A 359 10.85 -21.97 -5.86
N ARG A 360 9.55 -22.11 -6.11
CA ARG A 360 9.05 -22.99 -7.16
C ARG A 360 8.00 -22.29 -8.01
N ARG A 361 7.85 -22.79 -9.24
CA ARG A 361 6.80 -22.34 -10.14
C ARG A 361 5.42 -22.44 -9.49
N LEU A 362 4.58 -21.46 -9.80
CA LEU A 362 3.18 -21.47 -9.41
C LEU A 362 2.37 -21.54 -10.69
N VAL A 363 1.64 -22.64 -10.86
CA VAL A 363 0.77 -22.85 -12.01
C VAL A 363 -0.66 -22.69 -11.54
N LEU A 364 -1.31 -21.60 -11.93
CA LEU A 364 -2.69 -21.36 -11.53
C LEU A 364 -3.63 -21.87 -12.61
N GLU A 365 -4.66 -22.57 -12.17
CA GLU A 365 -5.68 -23.00 -13.11
C GLU A 365 -6.70 -21.87 -13.29
N PRO A 366 -7.11 -21.61 -14.53
CA PRO A 366 -7.89 -20.39 -14.80
C PRO A 366 -9.08 -20.18 -13.87
N GLY A 367 -9.82 -21.22 -13.53
CA GLY A 367 -11.02 -21.09 -12.74
C GLY A 367 -10.84 -21.33 -11.26
N ARG A 368 -9.60 -21.48 -10.80
CA ARG A 368 -9.31 -21.70 -9.38
C ARG A 368 -9.58 -20.42 -8.60
N LEU A 369 -10.45 -20.51 -7.59
CA LEU A 369 -10.84 -19.34 -6.81
C LEU A 369 -9.72 -18.80 -5.94
N ALA A 370 -9.75 -17.46 -5.76
CA ALA A 370 -8.71 -16.72 -5.05
C ALA A 370 -8.62 -17.08 -3.57
N GLN A 371 -9.73 -17.54 -2.97
CA GLN A 371 -9.68 -17.90 -1.54
C GLN A 371 -8.85 -19.15 -1.29
N HIS A 372 -8.50 -19.89 -2.33
CA HIS A 372 -7.71 -21.09 -2.24
C HIS A 372 -6.25 -20.85 -2.64
N PHE A 373 -5.92 -19.61 -2.97
CA PHE A 373 -4.55 -19.23 -3.30
C PHE A 373 -3.66 -19.34 -2.05
N PRO A 374 -2.36 -19.48 -2.25
CA PRO A 374 -1.44 -19.43 -1.10
C PRO A 374 -1.45 -18.08 -0.42
N LYS A 375 -1.27 -18.10 0.90
CA LYS A 375 -1.27 -16.86 1.67
C LYS A 375 0.00 -16.07 1.38
N THR A 376 -0.15 -14.77 1.17
CA THR A 376 0.97 -13.91 0.82
C THR A 376 1.05 -12.73 1.78
N THR A 377 2.24 -12.15 1.87
CA THR A 377 2.45 -10.88 2.56
C THR A 377 3.33 -9.98 1.71
N GLU A 378 3.57 -8.76 2.21
CA GLU A 378 4.50 -7.88 1.52
C GLU A 378 5.90 -8.46 1.55
N GLU A 379 6.25 -9.18 2.62
CA GLU A 379 7.56 -9.78 2.73
C GLU A 379 7.65 -11.07 1.92
N ASN A 380 6.53 -11.77 1.74
CA ASN A 380 6.45 -13.03 1.00
C ASN A 380 5.43 -12.97 -0.12
N PRO A 381 5.69 -12.22 -1.19
CA PRO A 381 4.68 -12.05 -2.23
C PRO A 381 4.83 -13.16 -3.28
N ILE A 382 3.82 -13.24 -4.15
CA ILE A 382 3.96 -14.03 -5.37
C ILE A 382 4.73 -13.21 -6.38
N PHE A 383 5.79 -13.79 -6.93
CA PHE A 383 6.56 -13.12 -7.97
C PHE A 383 5.95 -13.42 -9.32
N VAL A 384 5.89 -12.41 -10.18
CA VAL A 384 5.47 -12.58 -11.56
C VAL A 384 6.69 -12.26 -12.42
N VAL A 385 6.94 -13.10 -13.42
CA VAL A 385 7.98 -12.88 -14.40
C VAL A 385 7.39 -13.13 -15.77
N SER A 386 8.10 -12.68 -16.79
CA SER A 386 7.61 -12.76 -18.16
C SER A 386 8.77 -13.14 -19.06
N ARG A 387 8.44 -13.85 -20.14
CA ARG A 387 9.43 -14.22 -21.13
C ARG A 387 9.62 -13.12 -22.16
N GLU A 388 8.81 -12.06 -22.10
CA GLU A 388 8.89 -10.92 -22.98
C GLU A 388 9.55 -9.73 -22.30
N PRO A 389 10.44 -9.05 -23.03
CA PRO A 389 11.15 -7.90 -22.47
C PRO A 389 10.20 -6.89 -21.86
N LEU A 390 10.58 -6.37 -20.69
CA LEU A 390 9.80 -5.34 -20.02
C LEU A 390 10.75 -4.27 -19.49
N ASN A 391 10.27 -3.03 -19.51
CA ASN A 391 11.03 -1.93 -18.93
C ASN A 391 11.09 -2.07 -17.41
N THR A 392 12.29 -1.94 -16.86
CA THR A 392 12.48 -1.93 -15.41
C THR A 392 12.12 -0.56 -14.86
N ILE A 393 11.03 -0.50 -14.08
CA ILE A 393 10.52 0.77 -13.60
C ILE A 393 11.09 1.08 -12.22
N GLY A 394 10.91 0.15 -11.28
CA GLY A 394 11.32 0.37 -9.91
C GLY A 394 10.27 1.16 -9.17
N LEU A 395 10.65 1.71 -8.03
CA LEU A 395 9.71 2.51 -7.24
C LEU A 395 9.69 3.93 -7.77
N ILE A 396 8.51 4.45 -8.04
CA ILE A 396 8.32 5.84 -8.44
C ILE A 396 7.83 6.62 -7.23
N TYR A 397 8.60 7.63 -6.83
CA TYR A 397 8.27 8.42 -5.64
C TYR A 397 8.60 9.86 -5.93
N GLU A 398 8.10 10.75 -5.08
CA GLU A 398 8.31 12.18 -5.24
C GLU A 398 9.63 12.62 -4.61
N LYS A 399 10.36 13.45 -5.34
CA LYS A 399 11.57 14.06 -4.80
C LYS A 399 11.09 15.29 -4.01
N ILE A 400 11.13 15.20 -2.69
CA ILE A 400 10.63 16.25 -1.81
C ILE A 400 11.78 16.78 -0.96
N SER A 401 12.01 18.09 -1.01
CA SER A 401 13.07 18.70 -0.23
C SER A 401 12.50 19.28 1.06
N LEU A 402 13.41 19.58 1.99
CA LEU A 402 13.03 20.20 3.25
C LEU A 402 12.56 21.64 3.05
N PRO A 403 11.50 22.06 3.74
CA PRO A 403 11.18 23.49 3.79
C PRO A 403 12.27 24.23 4.55
N LYS A 404 12.36 25.54 4.32
CA LYS A 404 13.31 26.34 5.07
C LYS A 404 12.78 26.58 6.48
N VAL A 405 13.71 26.63 7.44
CA VAL A 405 13.36 26.87 8.84
C VAL A 405 13.50 28.36 9.12
N HIS A 406 12.39 28.98 9.47
CA HIS A 406 12.31 30.41 9.75
C HIS A 406 12.92 30.76 11.11
N PRO A 407 14.02 31.51 11.16
CA PRO A 407 14.67 31.83 12.43
C PRO A 407 13.77 32.58 13.42
N ARG A 408 12.73 33.26 12.95
CA ARG A 408 11.83 34.03 13.81
C ARG A 408 11.06 33.20 14.81
N TYR A 409 11.40 33.38 16.10
CA TYR A 409 10.69 32.77 17.21
C TYR A 409 9.19 33.03 17.09
N ASP A 410 8.43 31.94 17.04
CA ASP A 410 6.98 32.04 16.95
C ASP A 410 6.40 30.70 17.39
N LEU A 411 5.74 30.68 18.55
CA LEU A 411 5.23 29.44 19.09
C LEU A 411 4.31 28.75 18.10
N ASP A 412 3.48 29.54 17.41
CA ASP A 412 2.54 28.98 16.43
C ASP A 412 3.26 28.58 15.15
N GLY A 413 4.18 29.42 14.67
CA GLY A 413 4.86 29.09 13.42
C GLY A 413 5.78 27.90 13.59
N ASP A 414 6.57 27.88 14.66
CA ASP A 414 7.51 26.78 14.85
C ASP A 414 6.77 25.46 15.01
N ALA A 415 5.70 25.46 15.81
CA ALA A 415 4.88 24.26 15.96
C ALA A 415 4.26 23.85 14.63
N SER A 416 3.84 24.83 13.83
CA SER A 416 3.30 24.54 12.51
C SER A 416 4.40 24.00 11.61
N MET A 417 5.58 24.59 11.69
CA MET A 417 6.71 24.14 10.88
C MET A 417 7.18 22.77 11.34
N ALA A 418 7.31 22.57 12.65
CA ALA A 418 7.71 21.28 13.20
C ALA A 418 6.85 20.15 12.66
N LYS A 419 5.54 20.36 12.54
CA LYS A 419 4.67 19.31 12.00
C LYS A 419 5.05 18.98 10.57
N ALA A 420 5.26 20.02 9.75
CA ALA A 420 5.52 19.79 8.32
C ALA A 420 6.86 19.10 8.11
N ILE A 421 7.93 19.62 8.72
CA ILE A 421 9.27 19.06 8.53
C ILE A 421 9.38 17.66 9.13
N THR A 422 8.70 17.39 10.25
CA THR A 422 8.69 16.04 10.79
C THR A 422 7.92 15.09 9.89
N GLY A 423 6.87 15.57 9.24
CA GLY A 423 6.10 14.74 8.33
C GLY A 423 6.92 14.28 7.13
N VAL A 424 7.79 15.16 6.64
CA VAL A 424 8.66 14.82 5.51
C VAL A 424 9.63 13.71 5.87
N VAL A 425 10.23 13.78 7.06
CA VAL A 425 11.16 12.74 7.48
C VAL A 425 10.45 11.41 7.65
N CYS A 426 9.22 11.43 8.17
CA CYS A 426 8.44 10.20 8.25
C CYS A 426 8.28 9.60 6.86
N TYR A 427 7.90 10.42 5.89
CA TYR A 427 7.76 9.96 4.50
C TYR A 427 9.08 9.38 4.01
N ALA A 428 10.19 10.09 4.25
CA ALA A 428 11.50 9.60 3.84
C ALA A 428 11.82 8.25 4.49
N CYS A 429 11.39 8.06 5.74
CA CYS A 429 11.66 6.80 6.42
C CYS A 429 10.83 5.66 5.81
N ARG A 430 9.56 5.95 5.51
CA ARG A 430 8.70 4.97 4.85
C ARG A 430 9.23 4.60 3.47
N ILE A 431 9.71 5.59 2.72
CA ILE A 431 10.28 5.32 1.40
C ILE A 431 11.56 4.49 1.52
N ALA A 432 12.42 4.86 2.47
CA ALA A 432 13.64 4.08 2.70
C ALA A 432 13.32 2.61 2.94
N SER A 433 12.26 2.34 3.70
CA SER A 433 11.88 0.97 4.01
C SER A 433 11.40 0.25 2.75
N THR A 434 10.56 0.91 1.95
CA THR A 434 10.08 0.29 0.72
C THR A 434 11.22 0.05 -0.25
N LEU A 435 12.13 1.01 -0.39
CA LEU A 435 13.29 0.81 -1.25
C LEU A 435 14.13 -0.38 -0.79
N LEU A 436 14.34 -0.50 0.53
CA LEU A 436 15.07 -1.66 1.06
C LEU A 436 14.30 -2.94 0.80
N LEU A 437 12.99 -2.92 1.03
CA LEU A 437 12.16 -4.10 0.79
C LEU A 437 12.25 -4.51 -0.68
N TYR A 438 12.12 -3.53 -1.58
CA TYR A 438 12.23 -3.82 -3.01
C TYR A 438 13.55 -4.51 -3.32
N GLN A 439 14.64 -4.05 -2.69
CA GLN A 439 15.94 -4.67 -2.91
C GLN A 439 15.99 -6.07 -2.31
N GLU A 440 15.43 -6.26 -1.11
CA GLU A 440 15.42 -7.57 -0.50
C GLU A 440 14.55 -8.56 -1.28
N LEU A 441 13.42 -8.09 -1.80
CA LEU A 441 12.56 -8.97 -2.59
C LEU A 441 13.23 -9.32 -3.92
N MET A 442 13.84 -8.33 -4.57
CA MET A 442 14.60 -8.57 -5.78
C MET A 442 15.64 -9.66 -5.57
N ARG A 443 16.45 -9.54 -4.51
CA ARG A 443 17.53 -10.48 -4.26
C ARG A 443 17.01 -11.89 -4.04
N LYS A 444 15.88 -12.03 -3.31
CA LYS A 444 15.31 -13.34 -3.06
C LYS A 444 14.72 -13.95 -4.33
N GLY A 445 13.91 -13.17 -5.07
CA GLY A 445 13.30 -13.66 -6.30
C GLY A 445 14.28 -14.11 -7.35
N ILE A 446 15.36 -13.35 -7.56
CA ILE A 446 16.39 -13.74 -8.51
C ILE A 446 16.99 -15.09 -8.11
N ARG A 447 17.31 -15.26 -6.83
CA ARG A 447 17.86 -16.53 -6.35
C ARG A 447 16.93 -17.69 -6.70
N TRP A 448 15.62 -17.49 -6.52
CA TRP A 448 14.66 -18.55 -6.83
C TRP A 448 14.59 -18.80 -8.33
N LEU A 449 14.60 -17.73 -9.15
CA LEU A 449 14.52 -17.89 -10.59
C LEU A 449 15.70 -18.71 -11.10
N ILE A 450 16.90 -18.42 -10.60
CA ILE A 450 18.08 -19.19 -10.96
C ILE A 450 17.85 -20.67 -10.63
N GLU A 451 17.20 -20.94 -9.49
CA GLU A 451 16.90 -22.32 -9.12
C GLU A 451 15.85 -22.92 -10.04
N LEU A 452 14.92 -22.10 -10.51
CA LEU A 452 13.91 -22.56 -11.45
C LEU A 452 14.52 -22.93 -12.80
N ILE A 453 15.34 -22.04 -13.36
CA ILE A 453 16.04 -22.31 -14.61
C ILE A 453 16.86 -23.60 -14.51
N LYS A 454 17.56 -23.81 -13.40
CA LYS A 454 18.32 -25.06 -13.25
C LYS A 454 17.41 -26.28 -13.33
N ASP A 455 16.21 -26.20 -12.75
CA ASP A 455 15.26 -27.30 -12.92
C ASP A 455 14.92 -27.49 -14.40
N ASP A 456 14.59 -26.39 -15.10
CA ASP A 456 14.32 -26.48 -16.53
C ASP A 456 15.52 -27.05 -17.26
N TYR A 457 16.70 -26.50 -16.98
CA TYR A 457 17.93 -26.99 -17.58
C TYR A 457 18.11 -28.48 -17.33
N ASN A 458 17.79 -28.93 -16.12
CA ASN A 458 17.96 -30.35 -15.81
C ASN A 458 16.85 -31.20 -16.41
N GLU A 459 15.67 -30.62 -16.64
CA GLU A 459 14.59 -31.42 -17.25
C GLU A 459 14.90 -31.71 -18.71
N THR A 460 15.37 -30.71 -19.46
CA THR A 460 15.70 -30.94 -20.86
C THR A 460 17.00 -31.70 -21.02
N VAL A 461 17.99 -31.43 -20.16
CA VAL A 461 19.28 -32.12 -20.25
C VAL A 461 19.12 -33.61 -19.98
N HIS A 462 18.22 -33.98 -19.07
CA HIS A 462 17.91 -35.39 -18.88
C HIS A 462 17.23 -35.96 -20.12
N LYS A 463 16.26 -35.23 -20.67
CA LYS A 463 15.54 -35.69 -21.85
C LYS A 463 16.51 -36.01 -22.98
N LYS A 464 17.52 -35.17 -23.17
CA LYS A 464 18.51 -35.41 -24.22
C LYS A 464 19.25 -36.73 -23.96
N THR A 465 19.98 -36.82 -22.84
CA THR A 465 20.67 -38.05 -22.50
C THR A 465 19.72 -39.25 -22.55
N GLU A 466 18.43 -39.00 -22.30
CA GLU A 466 17.42 -40.05 -22.36
C GLU A 466 17.18 -40.51 -23.80
N VAL A 467 17.29 -39.60 -24.76
CA VAL A 467 17.12 -39.98 -26.16
C VAL A 467 18.45 -40.41 -26.78
N VAL A 468 19.58 -39.97 -26.20
CA VAL A 468 20.89 -40.45 -26.63
C VAL A 468 20.98 -41.96 -26.42
N ILE A 469 20.42 -42.45 -25.32
CA ILE A 469 20.53 -43.86 -24.98
C ILE A 469 19.81 -44.69 -26.03
N THR A 470 18.88 -44.08 -26.76
CA THR A 470 18.15 -44.73 -27.84
C THR A 470 18.78 -44.42 -29.18
N LEU A 471 19.25 -43.18 -29.36
CA LEU A 471 19.93 -42.80 -30.60
C LEU A 471 21.22 -43.59 -30.75
N ASP A 472 22.09 -43.53 -29.73
CA ASP A 472 23.35 -44.27 -29.78
C ASP A 472 23.12 -45.78 -29.83
N PHE A 473 21.94 -46.24 -29.43
CA PHE A 473 21.59 -47.65 -29.47
C PHE A 473 21.06 -48.06 -30.84
N CYS A 474 20.13 -47.27 -31.38
CA CYS A 474 19.54 -47.59 -32.66
C CYS A 474 20.48 -47.30 -33.83
N ILE A 475 21.40 -46.35 -33.67
CA ILE A 475 22.39 -46.14 -34.74
C ILE A 475 23.24 -47.39 -34.96
N ARG A 476 23.53 -48.16 -33.91
CA ARG A 476 24.40 -49.29 -34.19
C ARG A 476 23.58 -50.52 -34.56
N ASN A 477 22.41 -50.67 -33.93
CA ASN A 477 21.54 -51.81 -34.21
C ASN A 477 21.23 -51.89 -35.69
N ILE A 478 21.30 -50.75 -36.38
CA ILE A 478 21.12 -50.73 -37.83
C ILE A 478 22.29 -51.49 -38.46
N GLU A 479 23.52 -51.12 -38.10
CA GLU A 479 24.70 -51.80 -38.62
C GLU A 479 24.77 -53.23 -38.14
N LYS A 480 24.07 -53.56 -37.04
CA LYS A 480 24.04 -54.94 -36.56
C LYS A 480 23.45 -55.85 -37.63
N THR A 481 22.36 -55.41 -38.26
CA THR A 481 21.70 -56.18 -39.30
C THR A 481 22.56 -56.22 -40.55
N VAL A 482 23.28 -55.13 -40.82
CA VAL A 482 24.11 -55.02 -42.02
C VAL A 482 25.14 -56.14 -42.07
N LYS A 483 25.80 -56.41 -40.93
CA LYS A 483 26.74 -57.53 -40.88
C LYS A 483 26.03 -58.86 -41.08
N VAL A 484 24.81 -59.01 -40.55
CA VAL A 484 24.01 -60.20 -40.84
C VAL A 484 23.69 -60.27 -42.32
N GLU A 500 20.76 -48.47 -49.89
CA GLU A 500 19.73 -47.65 -49.27
C GLU A 500 19.99 -47.44 -47.78
N ILE A 501 20.55 -48.46 -47.12
CA ILE A 501 20.92 -48.30 -45.72
C ILE A 501 21.94 -47.19 -45.56
N SER A 502 22.82 -47.01 -46.55
CA SER A 502 23.77 -45.90 -46.53
C SER A 502 23.06 -44.56 -46.42
N ASP A 503 21.85 -44.46 -46.99
CA ASP A 503 21.05 -43.25 -46.89
C ASP A 503 20.45 -43.09 -45.50
N ILE A 504 20.28 -44.18 -44.77
CA ILE A 504 19.72 -44.14 -43.42
C ILE A 504 20.82 -43.74 -42.45
N HIS A 505 22.03 -44.27 -42.65
CA HIS A 505 23.15 -43.93 -41.78
C HIS A 505 23.54 -42.46 -41.95
N THR A 506 23.50 -41.96 -43.19
CA THR A 506 23.89 -40.58 -43.46
C THR A 506 22.91 -39.59 -42.82
N LYS A 507 21.62 -39.94 -42.82
CA LYS A 507 20.62 -39.10 -42.18
C LYS A 507 20.71 -39.21 -40.68
N LEU A 508 21.16 -40.36 -40.18
CA LEU A 508 21.23 -40.60 -38.74
C LEU A 508 22.46 -39.92 -38.16
N LEU A 509 23.60 -40.03 -38.85
CA LEU A 509 24.82 -39.35 -38.41
C LEU A 509 24.63 -37.84 -38.35
N ARG A 510 23.62 -37.32 -39.06
CA ARG A 510 23.30 -35.89 -38.93
C ARG A 510 22.64 -35.61 -37.59
N LEU A 511 21.98 -36.60 -37.00
CA LEU A 511 21.33 -36.37 -35.72
C LEU A 511 22.36 -36.31 -34.58
N SER A 512 23.33 -37.23 -34.57
CA SER A 512 24.41 -37.13 -33.58
C SER A 512 25.19 -35.84 -33.75
N SER A 513 25.47 -35.46 -35.00
CA SER A 513 26.12 -34.17 -35.23
C SER A 513 25.20 -33.02 -34.83
N SER A 514 23.90 -33.15 -35.10
CA SER A 514 22.98 -32.12 -34.64
C SER A 514 22.85 -32.12 -33.13
N GLN A 515 23.04 -33.28 -32.50
CA GLN A 515 22.94 -33.39 -31.05
C GLN A 515 24.19 -32.93 -30.35
N GLY A 516 25.32 -32.86 -31.05
CA GLY A 516 26.53 -32.35 -30.44
C GLY A 516 26.50 -30.85 -30.29
N THR A 517 25.85 -30.15 -31.23
CA THR A 517 25.76 -28.70 -31.11
C THR A 517 24.87 -28.31 -29.94
N ILE A 518 23.88 -29.13 -29.59
CA ILE A 518 23.09 -28.86 -28.40
C ILE A 518 23.91 -29.13 -27.14
N GLU A 519 24.63 -30.26 -27.09
CA GLU A 519 25.42 -30.59 -25.90
C GLU A 519 26.37 -29.45 -25.53
N THR A 520 27.15 -28.96 -26.50
CA THR A 520 28.10 -27.87 -26.23
C THR A 520 27.37 -26.59 -25.84
N SER A 521 26.15 -26.41 -26.33
CA SER A 521 25.37 -25.23 -26.00
C SER A 521 24.76 -25.35 -24.61
N LEU A 522 24.39 -26.57 -24.21
CA LEU A 522 23.90 -26.78 -22.86
C LEU A 522 25.02 -26.59 -21.85
N GLN A 523 26.22 -27.10 -22.17
CA GLN A 523 27.38 -26.89 -21.31
C GLN A 523 27.72 -25.42 -21.18
N ASP A 524 27.33 -24.61 -22.17
CA ASP A 524 27.61 -23.18 -22.14
C ASP A 524 26.58 -22.45 -21.27
N ILE A 525 25.36 -22.97 -21.22
CA ILE A 525 24.35 -22.35 -20.36
C ILE A 525 24.60 -22.75 -18.91
N ASP A 526 24.92 -24.03 -18.68
CA ASP A 526 25.30 -24.47 -17.34
C ASP A 526 26.48 -23.65 -16.83
N SER A 527 27.49 -23.47 -17.68
CA SER A 527 28.66 -22.66 -17.33
C SER A 527 28.24 -21.27 -16.87
N ARG A 528 27.21 -20.70 -17.51
CA ARG A 528 26.74 -19.36 -17.16
C ARG A 528 25.89 -19.37 -15.90
N LEU A 529 25.28 -20.51 -15.56
CA LEU A 529 24.46 -20.62 -14.36
C LEU A 529 25.30 -20.99 -13.15
N SER A 530 26.57 -21.32 -13.36
CA SER A 530 27.49 -21.70 -12.30
C SER A 530 27.98 -20.45 -11.58
N PRO A 531 28.65 -20.61 -10.42
CA PRO A 531 29.10 -19.44 -9.65
C PRO A 531 29.90 -18.41 -10.45
N GLY A 532 30.75 -18.86 -11.38
CA GLY A 532 31.50 -17.89 -12.17
C GLY A 532 30.76 -17.38 -13.39
N GLY A 533 29.59 -17.94 -13.66
CA GLY A 533 28.84 -17.59 -14.86
C GLY A 533 28.52 -16.11 -14.94
N SER A 534 28.24 -15.65 -16.15
CA SER A 534 27.95 -14.25 -16.38
C SER A 534 26.60 -13.82 -15.82
N LEU A 535 25.77 -14.78 -15.41
CA LEU A 535 24.49 -14.53 -14.75
C LEU A 535 24.58 -14.83 -13.26
N ALA A 536 25.73 -14.51 -12.67
CA ALA A 536 26.04 -14.76 -11.28
C ALA A 536 25.20 -13.88 -10.34
N ASP A 537 25.08 -14.34 -9.10
CA ASP A 537 24.27 -13.71 -8.07
C ASP A 537 25.04 -12.70 -7.24
N ALA A 538 26.36 -12.88 -7.11
CA ALA A 538 27.22 -12.14 -6.18
C ALA A 538 26.93 -10.64 -6.15
N TRP A 539 26.71 -10.04 -7.31
CA TRP A 539 26.46 -8.60 -7.41
C TRP A 539 25.32 -8.15 -6.51
N ALA A 540 24.29 -8.99 -6.35
CA ALA A 540 23.12 -8.62 -5.57
C ALA A 540 23.49 -8.38 -4.10
N HIS A 541 24.55 -9.02 -3.62
CA HIS A 541 25.00 -8.82 -2.25
C HIS A 541 26.01 -7.68 -2.13
N GLN A 542 26.49 -7.14 -3.25
CA GLN A 542 27.47 -6.07 -3.22
C GLN A 542 26.86 -4.69 -3.44
N GLU A 543 25.69 -4.62 -4.08
CA GLU A 543 25.07 -3.34 -4.42
C GLU A 543 23.84 -3.11 -3.56
N GLY A 544 23.43 -1.84 -3.50
CA GLY A 544 22.28 -1.45 -2.71
C GLY A 544 22.57 -1.54 -1.22
N THR A 545 21.51 -1.63 -0.44
CA THR A 545 21.62 -1.67 1.02
C THR A 545 20.97 -2.93 1.56
N HIS A 546 21.39 -3.32 2.76
CA HIS A 546 20.94 -4.55 3.39
C HIS A 546 20.42 -4.29 4.79
N PRO A 547 19.61 -5.21 5.34
CA PRO A 547 19.20 -5.08 6.75
C PRO A 547 20.36 -4.82 7.70
N LYS A 548 21.49 -5.53 7.51
CA LYS A 548 22.64 -5.35 8.38
C LYS A 548 23.21 -3.94 8.31
N ASP A 549 22.85 -3.17 7.28
CA ASP A 549 23.33 -1.78 7.20
C ASP A 549 22.58 -0.91 8.21
N ARG A 550 21.37 -1.33 8.58
CA ARG A 550 20.51 -0.66 9.56
C ARG A 550 20.23 0.80 9.22
N ASN A 551 20.00 1.10 7.94
CA ASN A 551 19.71 2.46 7.52
C ASN A 551 18.36 2.95 8.06
N VAL A 552 17.38 2.05 8.14
CA VAL A 552 16.04 2.42 8.60
C VAL A 552 16.06 2.82 10.07
N GLU A 553 16.73 2.02 10.92
CA GLU A 553 16.83 2.36 12.33
C GLU A 553 17.53 3.70 12.54
N LYS A 554 18.56 3.99 11.73
CA LYS A 554 19.25 5.26 11.83
C LYS A 554 18.29 6.43 11.56
N LEU A 555 17.36 6.26 10.62
CA LEU A 555 16.41 7.33 10.32
C LEU A 555 15.35 7.46 11.40
N GLN A 556 14.82 6.33 11.89
CA GLN A 556 13.80 6.36 12.93
C GLN A 556 14.33 6.99 14.22
N VAL A 557 15.60 6.75 14.55
CA VAL A 557 16.20 7.36 15.72
C VAL A 557 16.17 8.88 15.60
N LEU A 558 16.56 9.39 14.43
CA LEU A 558 16.52 10.83 14.20
C LEU A 558 15.09 11.34 14.23
N LEU A 559 14.16 10.57 13.66
CA LEU A 559 12.75 10.93 13.70
C LEU A 559 12.22 11.00 15.13
N ASN A 560 12.63 10.06 15.99
CA ASN A 560 12.18 10.10 17.38
C ASN A 560 12.66 11.37 18.06
N CYS A 561 13.91 11.76 17.82
CA CYS A 561 14.38 13.05 18.34
C CYS A 561 13.54 14.19 17.80
N MET A 562 13.18 14.13 16.52
CA MET A 562 12.37 15.18 15.90
C MET A 562 10.95 15.16 16.44
N THR A 563 10.44 13.97 16.75
CA THR A 563 9.06 13.81 17.20
C THR A 563 8.88 14.34 18.62
N GLU A 564 9.90 14.16 19.46
CA GLU A 564 9.82 14.71 20.82
C GLU A 564 9.71 16.22 20.78
N ILE A 565 10.51 16.88 19.94
CA ILE A 565 10.45 18.33 19.82
C ILE A 565 9.10 18.77 19.27
N TYR A 566 8.57 18.03 18.30
CA TYR A 566 7.24 18.36 17.76
C TYR A 566 6.19 18.35 18.86
N TYR A 567 6.19 17.30 19.69
CA TYR A 567 5.20 17.24 20.76
C TYR A 567 5.43 18.35 21.78
N GLN A 568 6.69 18.73 21.99
CA GLN A 568 6.98 19.81 22.92
C GLN A 568 6.50 21.14 22.33
N PHE A 569 6.67 21.34 21.02
CA PHE A 569 6.17 22.54 20.40
C PHE A 569 4.65 22.61 20.48
N LYS A 570 3.98 21.46 20.36
CA LYS A 570 2.52 21.43 20.55
C LYS A 570 2.14 21.85 21.96
N LYS A 571 2.93 21.42 22.96
CA LYS A 571 2.72 21.86 24.34
C LYS A 571 3.08 23.33 24.51
N ASP A 572 4.21 23.76 23.93
CA ASP A 572 4.65 25.14 24.04
C ASP A 572 3.63 26.10 23.44
N LYS A 573 2.90 25.65 22.42
CA LYS A 573 1.88 26.49 21.80
C LYS A 573 0.72 26.76 22.75
N ALA A 574 0.16 25.71 23.35
CA ALA A 574 -1.01 25.88 24.23
C ALA A 574 -0.73 26.87 25.36
N GLU A 575 0.47 26.86 25.92
CA GLU A 575 0.86 27.89 26.87
C GLU A 575 1.38 29.10 26.08
N ARG A 576 0.66 30.22 26.18
CA ARG A 576 0.81 31.27 25.18
C ARG A 576 2.20 31.89 25.21
N ARG A 577 2.82 31.94 26.39
CA ARG A 577 4.13 32.58 26.53
C ARG A 577 4.98 31.71 27.43
N LEU A 578 6.27 31.66 27.14
CA LEU A 578 7.24 30.93 27.95
C LEU A 578 8.11 31.89 28.77
N ALA A 579 8.57 31.41 29.92
CA ALA A 579 9.55 32.16 30.67
C ALA A 579 10.90 32.13 29.96
N TYR A 580 11.78 33.06 30.36
CA TYR A 580 13.08 33.23 29.72
C TYR A 580 13.86 31.93 29.54
N ASN A 581 13.96 31.14 30.61
CA ASN A 581 14.71 29.88 30.51
C ASN A 581 14.07 28.91 29.53
N GLU A 582 12.78 28.59 29.74
CA GLU A 582 12.08 27.70 28.83
C GLU A 582 12.11 28.21 27.39
N GLU A 583 12.18 29.54 27.22
CA GLU A 583 12.29 30.16 25.90
C GLU A 583 13.61 29.80 25.22
N GLN A 584 14.72 29.94 25.92
CA GLN A 584 16.03 29.63 25.36
C GLN A 584 16.10 28.16 24.96
N ILE A 585 15.67 27.26 25.85
CA ILE A 585 15.66 25.83 25.56
C ILE A 585 14.84 25.54 24.28
N HIS A 586 13.73 26.27 24.10
CA HIS A 586 12.93 26.11 22.88
C HIS A 586 13.71 26.52 21.64
N LYS A 587 14.50 27.58 21.73
CA LYS A 587 15.27 28.05 20.57
C LYS A 587 16.45 27.13 20.28
N PHE A 588 17.06 26.57 21.32
CA PHE A 588 18.16 25.63 21.15
C PHE A 588 17.71 24.41 20.35
N ASP A 589 16.58 23.81 20.73
CA ASP A 589 16.10 22.61 20.07
C ASP A 589 15.62 22.89 18.64
N LYS A 590 15.30 24.16 18.35
CA LYS A 590 14.94 24.56 16.99
C LYS A 590 16.10 24.37 16.01
N GLN A 591 17.31 24.75 16.42
CA GLN A 591 18.47 24.50 15.55
C GLN A 591 18.79 23.02 15.45
N LYS A 592 18.58 22.26 16.54
CA LYS A 592 18.83 20.83 16.48
C LYS A 592 17.88 20.16 15.50
N LEU A 593 16.64 20.63 15.44
CA LEU A 593 15.68 20.10 14.47
C LEU A 593 16.24 20.18 13.05
N TYR A 594 16.68 21.38 12.66
CA TYR A 594 17.24 21.56 11.32
C TYR A 594 18.49 20.70 11.16
N TYR A 595 19.33 20.67 12.19
CA TYR A 595 20.54 19.86 12.18
C TYR A 595 20.23 18.37 12.00
N HIS A 596 19.24 17.85 12.72
CA HIS A 596 18.86 16.46 12.56
C HIS A 596 18.30 16.21 11.17
N ALA A 597 17.47 17.13 10.67
CA ALA A 597 16.87 16.93 9.36
C ALA A 597 17.92 16.97 8.27
N THR A 598 18.86 17.92 8.34
CA THR A 598 19.91 18.01 7.32
C THR A 598 20.78 16.75 7.33
N LYS A 599 21.15 16.28 8.52
CA LYS A 599 21.95 15.05 8.61
C LYS A 599 21.20 13.87 8.04
N ALA A 600 19.91 13.75 8.36
CA ALA A 600 19.12 12.63 7.89
C ALA A 600 18.97 12.66 6.38
N MET A 601 18.59 13.82 5.83
CA MET A 601 18.43 13.95 4.38
C MET A 601 19.73 13.65 3.66
N THR A 602 20.85 14.15 4.19
CA THR A 602 22.14 13.82 3.60
C THR A 602 22.34 12.31 3.57
N HIS A 603 22.12 11.64 4.70
CA HIS A 603 22.27 10.19 4.74
C HIS A 603 21.28 9.51 3.79
N PHE A 604 20.05 10.01 3.73
CA PHE A 604 19.04 9.39 2.86
C PHE A 604 19.41 9.52 1.38
N THR A 605 19.73 10.73 0.95
CA THR A 605 20.05 10.98 -0.46
C THR A 605 21.42 10.42 -0.85
N ASP A 606 22.44 10.69 -0.04
CA ASP A 606 23.80 10.31 -0.41
C ASP A 606 24.02 8.80 -0.34
N GLU A 607 23.33 8.10 0.56
CA GLU A 607 23.58 6.70 0.80
C GLU A 607 22.47 5.79 0.29
N CYS A 608 21.24 5.98 0.75
CA CYS A 608 20.15 5.10 0.36
C CYS A 608 19.78 5.22 -1.11
N VAL A 609 19.50 6.43 -1.58
CA VAL A 609 19.03 6.62 -2.97
C VAL A 609 20.13 6.33 -3.97
N LYS A 610 21.33 6.85 -3.73
CA LYS A 610 22.44 6.64 -4.68
C LYS A 610 22.72 5.16 -4.88
N LYS A 611 22.82 4.41 -3.78
CA LYS A 611 23.10 2.97 -3.88
C LYS A 611 21.91 2.21 -4.45
N TYR A 612 20.68 2.64 -4.16
CA TYR A 612 19.52 2.01 -4.77
C TYR A 612 19.57 2.11 -6.30
N GLU A 613 19.94 3.28 -6.83
CA GLU A 613 19.95 3.43 -8.28
C GLU A 613 21.08 2.64 -8.91
N ALA A 614 22.16 2.38 -8.17
CA ALA A 614 23.22 1.55 -8.72
C ALA A 614 22.80 0.08 -8.76
N PHE A 615 22.13 -0.38 -7.71
CA PHE A 615 21.63 -1.76 -7.73
C PHE A 615 20.60 -1.92 -8.85
N LEU A 616 19.72 -0.92 -8.99
CA LEU A 616 18.68 -0.94 -10.01
C LEU A 616 19.29 -0.92 -11.41
N ASN A 617 20.25 -0.02 -11.63
CA ASN A 617 20.92 0.06 -12.93
C ASN A 617 21.64 -1.23 -13.27
N LYS A 618 22.23 -1.88 -12.26
CA LYS A 618 22.90 -3.16 -12.49
C LYS A 618 21.90 -4.25 -12.80
N SER A 619 20.75 -4.25 -12.12
CA SER A 619 19.69 -5.20 -12.41
C SER A 619 19.22 -5.13 -13.86
N GLU A 620 18.99 -3.91 -14.37
CA GLU A 620 18.47 -3.75 -15.73
C GLU A 620 19.32 -4.46 -16.76
N GLU A 621 20.65 -4.40 -16.62
CA GLU A 621 21.48 -5.14 -17.55
C GLU A 621 21.45 -6.63 -17.23
N TRP A 622 21.46 -6.98 -15.93
CA TRP A 622 21.39 -8.39 -15.54
C TRP A 622 20.08 -9.00 -16.01
N ILE A 623 18.97 -8.23 -15.92
CA ILE A 623 17.69 -8.68 -16.43
C ILE A 623 17.80 -9.01 -17.91
N ARG A 624 18.39 -8.09 -18.68
CA ARG A 624 18.58 -8.26 -20.11
C ARG A 624 19.26 -9.59 -20.41
N LYS A 625 20.31 -9.91 -19.63
CA LYS A 625 21.00 -11.19 -19.77
C LYS A 625 20.04 -12.36 -19.50
N MET A 626 19.27 -12.27 -18.41
CA MET A 626 18.37 -13.36 -18.04
C MET A 626 17.43 -13.72 -19.19
N LEU A 627 16.88 -12.69 -19.84
CA LEU A 627 15.95 -12.90 -20.96
C LEU A 627 16.64 -13.62 -22.11
N HIS A 628 17.91 -13.29 -22.35
CA HIS A 628 18.68 -13.92 -23.41
C HIS A 628 18.88 -15.40 -23.15
N LEU A 629 19.11 -15.78 -21.89
CA LEU A 629 19.34 -17.19 -21.56
C LEU A 629 18.07 -18.01 -21.74
N ARG A 630 16.93 -17.53 -21.23
CA ARG A 630 15.69 -18.29 -21.39
C ARG A 630 15.37 -18.48 -22.87
N LYS A 631 15.69 -17.49 -23.70
CA LYS A 631 15.41 -17.60 -25.13
C LYS A 631 16.31 -18.64 -25.77
N GLN A 632 17.58 -18.67 -25.37
CA GLN A 632 18.50 -19.68 -25.90
C GLN A 632 18.15 -21.08 -25.39
N LEU A 633 17.73 -21.18 -24.13
CA LEU A 633 17.36 -22.50 -23.59
C LEU A 633 16.13 -23.06 -24.29
N LEU A 634 15.10 -22.23 -24.45
CA LEU A 634 13.90 -22.64 -25.18
C LEU A 634 14.24 -23.20 -26.55
N SER A 635 15.10 -22.51 -27.31
CA SER A 635 15.46 -23.01 -28.63
C SER A 635 16.10 -24.38 -28.52
N LEU A 636 17.00 -24.57 -27.54
CA LEU A 636 17.61 -25.87 -27.36
C LEU A 636 16.59 -26.89 -26.88
N THR A 637 15.59 -26.44 -26.12
CA THR A 637 14.57 -27.33 -25.59
C THR A 637 13.59 -27.81 -26.67
N ASN A 638 13.14 -26.91 -27.53
CA ASN A 638 12.21 -27.30 -28.59
C ASN A 638 12.87 -28.22 -29.61
N GLN A 639 14.16 -28.02 -29.88
CA GLN A 639 14.90 -28.91 -30.77
C GLN A 639 15.02 -30.30 -30.18
N CYS A 640 15.11 -30.42 -28.85
CA CYS A 640 15.18 -31.75 -28.25
C CYS A 640 13.87 -32.52 -28.43
N PHE A 641 12.73 -31.84 -28.46
CA PHE A 641 11.48 -32.55 -28.73
C PHE A 641 11.38 -32.89 -30.21
N ASP A 642 11.84 -31.98 -31.08
CA ASP A 642 11.78 -32.22 -32.52
C ASP A 642 12.69 -33.37 -32.89
N ILE A 643 13.93 -33.35 -32.40
CA ILE A 643 14.86 -34.45 -32.60
C ILE A 643 14.26 -35.74 -32.04
N GLU A 644 13.64 -35.65 -30.86
CA GLU A 644 13.12 -36.86 -30.20
C GLU A 644 12.07 -37.55 -31.06
N GLU A 645 11.27 -36.79 -31.81
CA GLU A 645 10.20 -37.44 -32.55
C GLU A 645 10.68 -37.96 -33.90
N GLU A 646 11.69 -37.33 -34.50
CA GLU A 646 12.24 -37.87 -35.73
C GLU A 646 13.02 -39.15 -35.46
N VAL A 647 13.63 -39.28 -34.28
CA VAL A 647 14.30 -40.53 -33.98
C VAL A 647 13.24 -41.56 -33.62
N SER A 648 12.11 -41.12 -33.04
CA SER A 648 11.04 -42.04 -32.70
C SER A 648 10.22 -42.39 -33.93
N LYS A 649 10.62 -41.93 -35.11
CA LYS A 649 9.93 -42.22 -36.36
C LYS A 649 10.72 -43.18 -37.22
N TYR A 650 12.05 -43.04 -37.25
CA TYR A 650 12.91 -43.93 -38.00
C TYR A 650 13.20 -45.21 -37.22
N GLN A 651 12.78 -45.27 -35.97
CA GLN A 651 13.03 -46.45 -35.14
C GLN A 651 12.31 -47.68 -35.69
N GLU A 652 11.13 -47.51 -36.28
CA GLU A 652 10.38 -48.63 -36.81
C GLU A 652 10.60 -48.87 -38.30
N TYR A 653 10.74 -47.82 -39.09
CA TYR A 653 10.93 -47.98 -40.53
C TYR A 653 12.20 -48.78 -40.85
N THR A 654 12.96 -49.19 -39.82
CA THR A 654 14.11 -50.05 -40.02
C THR A 654 13.70 -51.47 -40.34
N ASN A 655 12.61 -51.92 -39.73
CA ASN A 655 12.13 -53.30 -39.85
C ASN A 655 10.96 -53.36 -40.82
N GLU A 656 11.09 -54.23 -41.80
CA GLU A 656 10.10 -54.48 -42.85
C GLU A 656 9.19 -55.65 -42.50
N LEU A 657 8.14 -55.81 -43.29
CA LEU A 657 7.30 -56.99 -43.20
C LEU A 657 8.07 -58.23 -43.64
N GLN A 658 7.74 -59.37 -43.04
CA GLN A 658 8.40 -60.62 -43.36
C GLN A 658 7.42 -61.63 -43.93
N GLU A 659 7.95 -62.48 -44.80
CA GLU A 659 7.22 -63.60 -45.35
C GLU A 659 7.00 -64.69 -44.30
N THR A 660 5.73 -65.09 -44.12
CA THR A 660 5.31 -66.16 -43.21
C THR A 660 3.80 -66.35 -43.29
#